data_2OXM
#
_entry.id   2OXM
#
_cell.length_a   48.467
_cell.length_b   65.567
_cell.length_c   98.472
_cell.angle_alpha   90.000
_cell.angle_beta   90.000
_cell.angle_gamma   90.000
#
_symmetry.space_group_name_H-M   'P 21 21 21'
#
loop_
_entity.id
_entity.type
_entity.pdbx_description
1 polymer "DNA (5'-D(*TP*GP*TP*TP*AP*TP*CP*TP*T)-3')"
2 polymer "DNA (5'-D(*AP*AP*AP*GP*AP*TP*(4MF)P*AP*CP*A)-3')"
3 polymer 'Uracil-DNA glycosylase'
4 water water
#
loop_
_entity_poly.entity_id
_entity_poly.type
_entity_poly.pdbx_seq_one_letter_code
_entity_poly.pdbx_strand_id
1 'polydeoxyribonucleotide' (DT)(DG)(DT)(DT)(DA)(DT)(DC)(DT)(DT) B
2 'polydeoxyribonucleotide' (DA)(DA)(DA)(DG)(DA)(DT)(4MF)(DA)(DC)(DA) C
3 'polypeptide(L)'
;MEFFGESWKKHLSGEFGKPYFIKLMGFVAEERKHYTVYPPPHQVFTWTQMCDIKDVKVVILGQDPYHGPNQAHGLCFSVQ
RPVPPPPSLENIYKELSTDIEDFVHPGHGDLSGWAKQGVLLLNAVLTVRAHQANSHKERGWEQFTDAVVSWLNQNSNGLV
FLLWGSYAQKKGSAIDRKRHHVLQTAHPSPLSVYRGFFGCRHFSKTNELLQKSGKKPIDWKEL
;
A
#
# COMPACT_ATOMS: atom_id res chain seq x y z
N MET C 1 6.33 -16.68 -13.87
CA MET C 1 5.63 -15.44 -13.46
C MET C 1 4.12 -15.66 -13.47
N GLU C 2 3.40 -14.76 -12.80
CA GLU C 2 1.93 -14.79 -12.61
C GLU C 2 1.53 -13.74 -11.54
N PHE C 3 0.29 -13.79 -11.04
CA PHE C 3 -0.30 -12.72 -10.22
C PHE C 3 0.45 -12.39 -8.91
N PHE C 4 0.94 -13.44 -8.25
CA PHE C 4 1.80 -13.33 -7.07
C PHE C 4 3.26 -13.52 -7.46
N GLY C 5 4.15 -12.75 -6.85
CA GLY C 5 5.58 -13.08 -6.89
C GLY C 5 5.85 -14.30 -6.01
N GLU C 6 6.81 -15.11 -6.41
CA GLU C 6 7.09 -16.38 -5.73
C GLU C 6 7.40 -16.28 -4.23
N SER C 7 8.09 -15.23 -3.82
CA SER C 7 8.50 -15.08 -2.43
C SER C 7 7.34 -14.81 -1.50
N TRP C 8 6.24 -14.32 -2.05
CA TRP C 8 5.04 -14.02 -1.28
C TRP C 8 4.08 -15.21 -1.29
N LYS C 9 3.84 -15.77 -2.48
CA LYS C 9 3.10 -17.04 -2.66
C LYS C 9 3.52 -18.02 -1.59
N LYS C 10 4.82 -18.21 -1.45
CA LYS C 10 5.45 -19.01 -0.40
C LYS C 10 4.91 -18.75 1.02
N HIS C 11 4.78 -17.48 1.38
CA HIS C 11 4.41 -17.10 2.75
C HIS C 11 2.96 -16.62 2.88
N LEU C 12 2.17 -16.89 1.84
CA LEU C 12 0.77 -16.51 1.82
C LEU C 12 -0.17 -17.65 1.39
N SER C 13 0.31 -18.51 0.50
CA SER C 13 -0.47 -19.65 -0.01
C SER C 13 -1.30 -20.40 1.04
N GLY C 14 -0.95 -20.20 2.31
CA GLY C 14 -1.66 -20.82 3.42
C GLY C 14 -2.99 -20.18 3.74
N GLU C 15 -3.21 -18.98 3.18
CA GLU C 15 -4.50 -18.34 3.28
C GLU C 15 -5.40 -18.93 2.22
N PHE C 16 -4.77 -19.41 1.15
CA PHE C 16 -5.48 -19.85 -0.05
C PHE C 16 -6.54 -20.92 0.19
N GLY C 17 -6.41 -21.68 1.26
CA GLY C 17 -7.31 -22.79 1.53
C GLY C 17 -8.35 -22.47 2.58
N LYS C 18 -8.08 -21.46 3.41
CA LYS C 18 -8.99 -21.00 4.46
C LYS C 18 -10.28 -20.46 3.86
N PRO C 19 -11.43 -20.72 4.54
CA PRO C 19 -12.73 -20.44 3.97
C PRO C 19 -13.01 -18.97 3.74
N TYR C 20 -12.50 -18.08 4.60
CA TYR C 20 -12.67 -16.64 4.38
C TYR C 20 -12.07 -16.25 3.04
N PHE C 21 -11.08 -17.01 2.59
CA PHE C 21 -10.48 -16.70 1.31
C PHE C 21 -11.15 -17.37 0.13
N ILE C 22 -11.69 -18.58 0.29
CA ILE C 22 -12.52 -19.14 -0.79
C ILE C 22 -13.70 -18.19 -1.02
N LYS C 23 -14.30 -17.76 0.08
CA LYS C 23 -15.46 -16.90 0.08
C LYS C 23 -15.25 -15.54 -0.59
N LEU C 24 -14.14 -14.87 -0.26
CA LEU C 24 -13.82 -13.56 -0.79
C LEU C 24 -13.50 -13.58 -2.28
N MET C 25 -12.74 -14.60 -2.70
CA MET C 25 -12.47 -14.77 -4.13
C MET C 25 -13.76 -15.04 -4.91
N GLY C 26 -14.74 -15.68 -4.27
CA GLY C 26 -16.08 -15.85 -4.84
C GLY C 26 -16.86 -14.54 -4.85
N PHE C 27 -16.85 -13.85 -3.72
CA PHE C 27 -17.56 -12.60 -3.62
C PHE C 27 -17.18 -11.60 -4.74
N VAL C 28 -15.89 -11.29 -4.88
CA VAL C 28 -15.43 -10.37 -5.93
C VAL C 28 -15.70 -10.87 -7.37
N ALA C 29 -15.80 -12.19 -7.57
CA ALA C 29 -16.15 -12.70 -8.90
C ALA C 29 -17.53 -12.20 -9.27
N GLU C 30 -18.45 -12.29 -8.31
CA GLU C 30 -19.84 -11.87 -8.45
C GLU C 30 -19.95 -10.38 -8.71
N GLU C 31 -19.05 -9.61 -8.08
CA GLU C 31 -18.92 -8.17 -8.32
C GLU C 31 -18.52 -7.85 -9.76
N ARG C 32 -17.59 -8.64 -10.32
CA ARG C 32 -17.11 -8.44 -11.69
C ARG C 32 -18.12 -8.85 -12.77
N LYS C 33 -19.07 -9.72 -12.42
CA LYS C 33 -20.15 -10.05 -13.34
C LYS C 33 -21.14 -8.88 -13.42
N HIS C 34 -21.18 -8.08 -12.36
CA HIS C 34 -22.31 -7.18 -12.14
C HIS C 34 -21.97 -5.70 -12.00
N TYR C 35 -20.69 -5.41 -11.87
CA TYR C 35 -20.18 -4.06 -11.82
C TYR C 35 -18.75 -4.11 -12.35
N THR C 36 -18.11 -2.95 -12.44
CA THR C 36 -16.68 -2.88 -12.69
C THR C 36 -15.98 -2.87 -11.33
N VAL C 37 -14.99 -3.73 -11.17
CA VAL C 37 -14.24 -3.74 -9.94
C VAL C 37 -12.87 -3.24 -10.25
N TYR C 38 -12.32 -2.42 -9.36
CA TYR C 38 -10.96 -1.95 -9.55
C TYR C 38 -10.08 -2.53 -8.46
N PRO C 39 -8.87 -2.99 -8.83
CA PRO C 39 -8.24 -3.11 -10.16
C PRO C 39 -8.77 -4.29 -11.01
N PRO C 40 -8.23 -4.50 -12.24
CA PRO C 40 -8.64 -5.68 -12.96
C PRO C 40 -7.85 -6.92 -12.47
N PRO C 41 -8.44 -8.12 -12.61
CA PRO C 41 -7.97 -9.35 -11.95
C PRO C 41 -6.44 -9.55 -11.83
N HIS C 42 -5.70 -9.25 -12.90
CA HIS C 42 -4.26 -9.47 -12.96
C HIS C 42 -3.42 -8.44 -12.20
N GLN C 43 -4.00 -7.28 -11.91
CA GLN C 43 -3.26 -6.24 -11.19
C GLN C 43 -3.45 -6.27 -9.67
N VAL C 44 -4.48 -6.95 -9.21
CA VAL C 44 -4.83 -7.04 -7.79
C VAL C 44 -3.66 -7.27 -6.81
N PHE C 45 -2.59 -7.95 -7.26
CA PHE C 45 -1.47 -8.25 -6.38
C PHE C 45 -0.11 -7.70 -6.86
N THR C 46 -0.17 -6.62 -7.63
CA THR C 46 1.02 -6.01 -8.16
C THR C 46 2.01 -5.74 -7.04
N TRP C 47 1.51 -5.47 -5.84
CA TRP C 47 2.33 -5.21 -4.65
C TRP C 47 3.26 -6.39 -4.26
N THR C 48 3.10 -7.51 -4.95
CA THR C 48 3.99 -8.67 -4.76
C THR C 48 5.05 -8.77 -5.84
N GLN C 49 4.80 -8.12 -6.97
CA GLN C 49 5.64 -8.27 -8.16
C GLN C 49 6.75 -7.22 -8.24
N MET C 50 7.10 -6.63 -7.10
CA MET C 50 8.04 -5.49 -7.11
C MET C 50 9.37 -5.81 -6.43
N CYS C 51 9.29 -6.60 -5.36
CA CYS C 51 10.49 -7.10 -4.69
C CYS C 51 10.23 -8.36 -3.86
N ASP C 52 11.32 -9.12 -3.63
CA ASP C 52 11.33 -10.26 -2.72
C ASP C 52 10.77 -9.80 -1.39
N ILE C 53 9.88 -10.61 -0.83
CA ILE C 53 9.26 -10.31 0.46
C ILE C 53 10.28 -9.96 1.53
N LYS C 54 11.44 -10.62 1.53
CA LYS C 54 12.45 -10.39 2.57
C LYS C 54 13.29 -9.15 2.28
N ASP C 55 12.98 -8.46 1.18
CA ASP C 55 13.67 -7.22 0.81
C ASP C 55 12.84 -6.00 1.15
N VAL C 56 11.58 -6.23 1.51
CA VAL C 56 10.70 -5.17 2.00
C VAL C 56 11.39 -4.40 3.11
N LYS C 57 11.26 -3.07 3.10
CA LYS C 57 11.77 -2.20 4.18
C LYS C 57 10.75 -1.17 4.75
N VAL C 58 9.89 -0.64 3.89
CA VAL C 58 8.87 0.32 4.32
C VAL C 58 7.53 -0.19 3.86
N VAL C 59 6.51 0.01 4.67
CA VAL C 59 5.18 -0.43 4.32
C VAL C 59 4.26 0.78 4.38
N ILE C 60 3.83 1.23 3.20
CA ILE C 60 2.83 2.29 3.09
C ILE C 60 1.52 1.60 2.82
N LEU C 61 0.62 1.78 3.76
CA LEU C 61 -0.67 1.11 3.78
C LEU C 61 -1.75 2.19 3.68
N GLY C 62 -2.69 2.00 2.75
CA GLY C 62 -3.81 2.95 2.54
C GLY C 62 -5.18 2.39 2.91
N GLN C 63 -6.25 3.05 2.47
CA GLN C 63 -7.61 2.58 2.80
C GLN C 63 -7.92 1.38 1.90
N ASP C 64 -8.39 1.67 0.68
CA ASP C 64 -8.52 0.70 -0.39
C ASP C 64 -7.97 1.30 -1.70
N PRO C 65 -8.19 0.62 -2.85
CA PRO C 65 -7.58 1.18 -4.04
C PRO C 65 -8.44 2.31 -4.66
N TYR C 66 -7.87 3.11 -5.59
CA TYR C 66 -8.63 4.06 -6.43
C TYR C 66 -9.82 3.39 -7.13
N HIS C 67 -10.93 4.12 -7.28
CA HIS C 67 -12.16 3.53 -7.84
C HIS C 67 -12.72 4.25 -9.08
N GLY C 68 -11.86 5.02 -9.76
CA GLY C 68 -12.17 5.58 -11.08
C GLY C 68 -11.46 4.74 -12.12
N PRO C 69 -11.93 4.75 -13.38
CA PRO C 69 -11.38 3.84 -14.40
C PRO C 69 -9.87 4.00 -14.64
N ASN C 70 -9.21 2.88 -14.96
CA ASN C 70 -7.82 2.93 -15.42
C ASN C 70 -6.85 3.50 -14.35
N GLN C 71 -7.27 3.49 -13.09
CA GLN C 71 -6.49 4.07 -11.97
C GLN C 71 -5.74 3.03 -11.13
N ALA C 72 -6.47 2.33 -10.26
CA ALA C 72 -5.89 1.36 -9.33
C ALA C 72 -5.17 0.25 -10.09
N HIS C 73 -3.87 0.12 -9.86
CA HIS C 73 -3.13 -0.93 -10.54
C HIS C 73 -2.40 -1.86 -9.57
N GLY C 74 -2.87 -1.93 -8.33
CA GLY C 74 -2.34 -2.88 -7.37
C GLY C 74 -1.37 -2.30 -6.38
N LEU C 75 -0.76 -1.17 -6.76
CA LEU C 75 0.17 -0.46 -5.90
C LEU C 75 -0.55 0.72 -5.31
N CYS C 76 -0.63 0.76 -3.98
CA CYS C 76 -1.46 1.74 -3.28
C CYS C 76 -1.12 3.20 -3.58
N PHE C 77 -2.11 3.95 -4.06
CA PHE C 77 -1.92 5.36 -4.41
C PHE C 77 -1.28 5.61 -5.78
N SER C 78 -0.76 4.55 -6.38
CA SER C 78 -0.05 4.62 -7.65
C SER C 78 -1.02 4.67 -8.82
N VAL C 79 -0.59 5.30 -9.91
CA VAL C 79 -1.35 5.37 -11.16
C VAL C 79 -0.40 5.28 -12.37
N GLN C 80 -0.87 4.72 -13.47
CA GLN C 80 0.00 4.37 -14.59
C GLN C 80 -0.12 5.33 -15.78
N ARG C 81 1.01 5.77 -16.31
CA ARG C 81 1.02 6.47 -17.58
C ARG C 81 0.01 5.80 -18.52
N PRO C 82 -0.91 6.58 -19.12
CA PRO C 82 -1.00 8.06 -19.12
C PRO C 82 -1.50 8.70 -17.81
N VAL C 83 -2.39 8.01 -17.11
CA VAL C 83 -3.20 8.53 -16.00
C VAL C 83 -2.53 9.67 -15.22
N PRO C 84 -3.29 10.73 -14.94
CA PRO C 84 -2.74 11.73 -14.04
C PRO C 84 -2.85 11.31 -12.59
N PRO C 85 -1.90 11.78 -11.75
CA PRO C 85 -2.02 11.73 -10.29
C PRO C 85 -3.39 12.23 -9.83
N PRO C 86 -4.10 11.43 -9.00
CA PRO C 86 -5.32 11.81 -8.34
C PRO C 86 -5.00 12.79 -7.22
N PRO C 87 -6.02 13.40 -6.61
CA PRO C 87 -5.74 14.34 -5.52
C PRO C 87 -4.83 13.74 -4.45
N SER C 88 -5.21 12.59 -3.90
CA SER C 88 -4.36 11.89 -2.95
C SER C 88 -2.91 11.76 -3.44
N LEU C 89 -2.70 11.51 -4.72
CA LEU C 89 -1.30 11.48 -5.19
C LEU C 89 -0.69 12.84 -5.37
N GLU C 90 -1.48 13.79 -5.88
CA GLU C 90 -1.07 15.18 -5.96
C GLU C 90 -0.61 15.63 -4.58
N ASN C 91 -1.49 15.50 -3.59
CA ASN C 91 -1.14 15.78 -2.20
C ASN C 91 0.16 15.13 -1.80
N ILE C 92 0.25 13.79 -1.88
CA ILE C 92 1.48 13.09 -1.47
C ILE C 92 2.72 13.86 -1.91
N TYR C 93 2.89 14.00 -3.22
CA TYR C 93 3.98 14.78 -3.79
C TYR C 93 4.19 16.13 -3.11
N LYS C 94 3.10 16.77 -2.68
CA LYS C 94 3.19 18.06 -1.94
C LYS C 94 3.99 17.91 -0.65
N GLU C 95 3.70 16.85 0.11
CA GLU C 95 4.38 16.64 1.37
C GLU C 95 5.85 16.39 1.03
N LEU C 96 6.08 15.53 0.04
CA LEU C 96 7.43 15.21 -0.47
C LEU C 96 8.28 16.40 -0.96
N SER C 97 7.61 17.42 -1.52
CA SER C 97 8.29 18.59 -2.07
C SER C 97 8.88 19.46 -0.96
N THR C 98 8.20 19.50 0.18
CA THR C 98 8.64 20.28 1.33
C THR C 98 9.28 19.41 2.42
N ASP C 99 8.91 18.12 2.47
CA ASP C 99 9.58 17.19 3.37
C ASP C 99 10.96 16.81 2.86
N ILE C 100 11.02 16.34 1.60
CA ILE C 100 12.29 15.99 0.94
C ILE C 100 12.72 17.16 0.05
N GLU C 101 14.02 17.45 0.09
CA GLU C 101 14.57 18.65 -0.55
C GLU C 101 14.73 18.59 -2.06
N ASP C 102 15.43 17.57 -2.54
CA ASP C 102 15.71 17.43 -3.96
C ASP C 102 14.47 17.06 -4.80
N PHE C 103 13.44 16.56 -4.13
CA PHE C 103 12.28 16.00 -4.82
C PHE C 103 11.40 17.02 -5.56
N VAL C 104 11.21 16.79 -6.85
CA VAL C 104 10.35 17.63 -7.68
C VAL C 104 9.29 16.76 -8.33
N HIS C 105 8.11 17.33 -8.59
CA HIS C 105 6.98 16.59 -9.19
C HIS C 105 7.44 15.65 -10.30
N PRO C 106 7.14 14.34 -10.16
CA PRO C 106 7.62 13.32 -11.12
C PRO C 106 7.06 13.47 -12.54
N GLY C 107 5.99 14.23 -12.71
CA GLY C 107 5.34 14.39 -14.02
C GLY C 107 4.41 13.24 -14.42
N HIS C 108 4.23 12.28 -13.51
CA HIS C 108 3.41 11.09 -13.69
C HIS C 108 3.14 10.49 -12.32
N GLY C 109 2.12 9.62 -12.22
CA GLY C 109 1.78 9.02 -10.94
C GLY C 109 2.22 7.59 -10.66
N ASP C 110 3.09 7.03 -11.50
CA ASP C 110 3.48 5.62 -11.35
C ASP C 110 4.50 5.41 -10.24
N LEU C 111 4.08 4.72 -9.17
CA LEU C 111 4.94 4.54 -8.00
C LEU C 111 5.70 3.20 -7.94
N SER C 112 5.78 2.48 -9.06
CA SER C 112 6.55 1.22 -9.13
C SER C 112 8.00 1.40 -8.63
N GLY C 113 8.63 2.51 -9.06
CA GLY C 113 9.99 2.88 -8.65
C GLY C 113 10.33 2.83 -7.17
N TRP C 114 9.35 3.09 -6.30
CA TRP C 114 9.58 2.92 -4.85
C TRP C 114 9.53 1.45 -4.44
N ALA C 115 8.49 0.74 -4.91
CA ALA C 115 8.28 -0.64 -4.52
C ALA C 115 9.39 -1.56 -5.01
N LYS C 116 10.28 -1.03 -5.84
CA LYS C 116 11.45 -1.79 -6.27
C LYS C 116 12.53 -1.74 -5.19
N GLN C 117 12.53 -0.66 -4.42
CA GLN C 117 13.55 -0.38 -3.42
C GLN C 117 13.18 -1.00 -2.10
N GLY C 118 11.93 -1.41 -1.98
CA GLY C 118 11.45 -2.08 -0.79
C GLY C 118 10.34 -1.33 -0.11
N VAL C 119 9.50 -0.64 -0.88
CA VAL C 119 8.30 -0.09 -0.26
C VAL C 119 7.04 -0.84 -0.70
N LEU C 120 6.51 -1.62 0.24
CA LEU C 120 5.25 -2.34 0.07
C LEU C 120 4.05 -1.38 0.03
N LEU C 121 3.51 -1.17 -1.17
CA LEU C 121 2.40 -0.21 -1.37
C LEU C 121 1.08 -1.00 -1.36
N LEU C 122 0.35 -0.88 -0.27
CA LEU C 122 -0.76 -1.79 0.02
C LEU C 122 -1.93 -0.98 0.51
N ASN C 123 -3.14 -1.51 0.36
CA ASN C 123 -4.26 -1.01 1.08
C ASN C 123 -4.89 -2.12 1.93
N ALA C 124 -5.42 -1.73 3.08
CA ALA C 124 -6.15 -2.67 3.93
C ALA C 124 -7.03 -3.58 3.07
N VAL C 125 -7.87 -2.97 2.21
CA VAL C 125 -8.72 -3.71 1.26
C VAL C 125 -8.22 -3.53 -0.16
N LEU C 126 -8.32 -4.57 -0.98
CA LEU C 126 -7.63 -4.59 -2.27
C LEU C 126 -8.51 -4.44 -3.50
N THR C 127 -9.82 -4.54 -3.30
CA THR C 127 -10.72 -4.28 -4.39
C THR C 127 -11.75 -3.23 -4.00
N VAL C 128 -12.29 -2.58 -5.02
CA VAL C 128 -13.31 -1.56 -4.84
C VAL C 128 -14.30 -1.58 -6.01
N ARG C 129 -15.58 -1.69 -5.70
CA ARG C 129 -16.63 -1.51 -6.70
C ARG C 129 -16.63 -0.04 -7.15
N ALA C 130 -16.88 0.17 -8.45
CA ALA C 130 -16.73 1.48 -9.09
C ALA C 130 -17.34 2.64 -8.31
N HIS C 131 -16.55 3.71 -8.17
CA HIS C 131 -17.07 5.02 -7.76
C HIS C 131 -17.57 5.10 -6.31
N GLN C 132 -17.38 4.01 -5.56
CA GLN C 132 -17.83 3.91 -4.19
C GLN C 132 -16.69 3.49 -3.32
N ALA C 133 -16.29 4.40 -2.42
CA ALA C 133 -15.15 4.18 -1.53
C ALA C 133 -15.40 3.07 -0.52
N ASN C 134 -14.34 2.35 -0.13
CA ASN C 134 -14.43 1.31 0.92
C ASN C 134 -15.56 0.31 0.74
N SER C 135 -16.06 0.20 -0.49
CA SER C 135 -17.24 -0.59 -0.79
C SER C 135 -16.98 -2.09 -0.59
N HIS C 136 -15.73 -2.50 -0.76
CA HIS C 136 -15.36 -3.90 -0.52
C HIS C 136 -14.74 -4.12 0.86
N LYS C 137 -15.02 -3.25 1.83
CA LYS C 137 -14.49 -3.45 3.17
C LYS C 137 -15.24 -4.57 3.90
N GLU C 138 -14.64 -5.08 4.96
CA GLU C 138 -15.26 -6.11 5.82
C GLU C 138 -15.78 -7.32 5.04
N ARG C 139 -15.12 -7.64 3.92
CA ARG C 139 -15.50 -8.77 3.07
C ARG C 139 -14.48 -9.91 3.09
N GLY C 140 -13.41 -9.73 3.84
CA GLY C 140 -12.40 -10.77 3.96
C GLY C 140 -11.02 -10.34 3.50
N TRP C 141 -10.91 -9.17 2.89
CA TRP C 141 -9.57 -8.64 2.58
C TRP C 141 -8.81 -8.39 3.86
N GLU C 142 -9.36 -7.56 4.74
CA GLU C 142 -8.67 -7.12 5.95
C GLU C 142 -7.95 -8.25 6.65
N GLN C 143 -8.57 -9.43 6.65
CA GLN C 143 -7.98 -10.59 7.28
C GLN C 143 -6.80 -11.13 6.50
N PHE C 144 -6.88 -11.06 5.18
CA PHE C 144 -5.81 -11.58 4.32
C PHE C 144 -4.58 -10.69 4.42
N THR C 145 -4.81 -9.39 4.33
CA THR C 145 -3.75 -8.41 4.42
C THR C 145 -3.12 -8.42 5.80
N ASP C 146 -3.87 -8.96 6.76
CA ASP C 146 -3.40 -9.09 8.13
C ASP C 146 -2.35 -10.18 8.17
N ALA C 147 -2.54 -11.23 7.38
CA ALA C 147 -1.53 -12.25 7.18
C ALA C 147 -0.24 -11.62 6.64
N VAL C 148 -0.42 -10.55 5.86
CA VAL C 148 0.69 -9.88 5.23
C VAL C 148 1.41 -8.96 6.21
N VAL C 149 0.67 -8.39 7.16
CA VAL C 149 1.31 -7.58 8.18
C VAL C 149 1.88 -8.52 9.24
N SER C 150 1.11 -9.54 9.60
CA SER C 150 1.60 -10.59 10.50
C SER C 150 2.96 -11.11 10.09
N TRP C 151 3.10 -11.53 8.82
CA TRP C 151 4.33 -12.18 8.37
C TRP C 151 5.52 -11.25 8.44
N LEU C 152 5.37 -10.04 7.96
CA LEU C 152 6.45 -9.10 8.09
C LEU C 152 6.77 -9.02 9.60
N ASN C 153 5.81 -8.56 10.40
CA ASN C 153 5.99 -8.43 11.84
C ASN C 153 6.75 -9.61 12.45
N GLN C 154 6.52 -10.79 11.90
CA GLN C 154 7.15 -12.00 12.42
C GLN C 154 8.60 -12.21 11.94
N ASN C 155 8.82 -12.06 10.64
CA ASN C 155 10.04 -12.56 9.98
C ASN C 155 10.99 -11.48 9.50
N SER C 156 10.81 -10.27 9.99
CA SER C 156 11.70 -9.17 9.65
C SER C 156 11.90 -8.24 10.84
N ASN C 157 12.93 -7.39 10.78
CA ASN C 157 13.16 -6.39 11.81
C ASN C 157 13.34 -4.96 11.27
N GLY C 158 13.21 -4.00 12.17
CA GLY C 158 13.35 -2.58 11.85
C GLY C 158 12.64 -2.15 10.58
N LEU C 159 11.39 -2.58 10.43
CA LEU C 159 10.56 -2.11 9.33
C LEU C 159 9.82 -0.85 9.73
N VAL C 160 9.76 0.10 8.79
CA VAL C 160 8.96 1.31 8.97
C VAL C 160 7.59 1.00 8.40
N PHE C 161 6.57 1.19 9.23
CA PHE C 161 5.18 1.07 8.82
C PHE C 161 4.52 2.44 8.83
N LEU C 162 3.88 2.77 7.70
CA LEU C 162 3.28 4.10 7.50
C LEU C 162 1.78 3.95 7.27
N LEU C 163 1.00 4.35 8.28
CA LEU C 163 -0.41 3.98 8.36
C LEU C 163 -1.35 5.15 8.04
N TRP C 164 -1.79 5.19 6.80
CA TRP C 164 -2.46 6.36 6.25
C TRP C 164 -3.98 6.31 6.27
N GLY C 165 -4.53 7.00 7.27
CA GLY C 165 -5.97 7.03 7.50
C GLY C 165 -6.47 6.09 8.58
N SER C 166 -7.66 6.43 9.08
CA SER C 166 -8.35 5.63 10.10
C SER C 166 -8.34 4.13 9.81
N TYR C 167 -8.54 3.76 8.54
CA TYR C 167 -8.65 2.36 8.16
C TYR C 167 -7.35 1.57 8.07
N ALA C 168 -6.31 2.20 7.52
CA ALA C 168 -4.98 1.61 7.51
C ALA C 168 -4.48 1.40 8.94
N GLN C 169 -4.83 2.33 9.83
CA GLN C 169 -4.29 2.36 11.19
C GLN C 169 -4.68 1.15 12.06
N LYS C 170 -5.68 0.40 11.59
CA LYS C 170 -6.28 -0.72 12.31
C LYS C 170 -5.34 -1.91 12.42
N LYS C 171 -4.39 -1.99 11.49
CA LYS C 171 -3.35 -3.02 11.53
C LYS C 171 -2.43 -2.79 12.71
N GLY C 172 -2.39 -1.53 13.17
CA GLY C 172 -1.43 -1.09 14.18
C GLY C 172 -1.22 -1.94 15.42
N SER C 173 -2.32 -2.43 15.97
CA SER C 173 -2.31 -3.21 17.21
C SER C 173 -1.68 -4.59 17.05
N ALA C 174 -1.48 -5.00 15.79
CA ALA C 174 -0.86 -6.25 15.44
C ALA C 174 0.68 -6.14 15.21
N ILE C 175 1.17 -4.91 15.04
CA ILE C 175 2.61 -4.70 14.88
C ILE C 175 3.29 -4.57 16.24
N ASP C 176 4.48 -5.16 16.34
CA ASP C 176 5.31 -5.02 17.52
C ASP C 176 5.97 -3.64 17.50
N ARG C 177 5.40 -2.72 18.27
CA ARG C 177 5.78 -1.31 18.19
C ARG C 177 7.19 -1.01 18.71
N LYS C 178 7.92 -2.05 19.13
CA LYS C 178 9.30 -1.92 19.61
C LYS C 178 10.21 -2.48 18.54
N ARG C 179 9.83 -3.66 18.04
CA ARG C 179 10.53 -4.32 16.94
C ARG C 179 10.51 -3.44 15.68
N HIS C 180 9.37 -2.79 15.45
CA HIS C 180 9.16 -2.00 14.24
C HIS C 180 8.74 -0.58 14.57
N HIS C 181 8.69 0.24 13.52
CA HIS C 181 8.43 1.69 13.63
C HIS C 181 7.16 2.01 12.93
N VAL C 182 6.19 2.47 13.69
CA VAL C 182 4.87 2.70 13.15
C VAL C 182 4.60 4.19 13.17
N LEU C 183 4.42 4.75 11.98
CA LEU C 183 4.15 6.16 11.81
C LEU C 183 2.74 6.23 11.28
N GLN C 184 1.85 6.81 12.09
CA GLN C 184 0.41 6.86 11.78
C GLN C 184 0.01 8.26 11.41
N THR C 185 -0.85 8.43 10.40
CA THR C 185 -1.40 9.78 10.13
C THR C 185 -2.62 9.87 9.20
N ALA C 186 -3.23 11.05 9.22
CA ALA C 186 -4.36 11.41 8.37
C ALA C 186 -4.05 11.07 6.92
N HIS C 187 -5.01 10.39 6.31
CA HIS C 187 -4.94 9.89 4.93
C HIS C 187 -4.77 11.03 3.93
N PRO C 188 -3.79 10.91 3.02
CA PRO C 188 -3.44 11.95 2.03
C PRO C 188 -4.59 12.61 1.24
N SER C 189 -5.82 12.15 1.41
CA SER C 189 -6.96 12.63 0.64
C SER C 189 -7.34 14.05 1.01
N PRO C 190 -7.72 14.86 0.01
CA PRO C 190 -8.18 16.22 0.27
C PRO C 190 -9.35 16.26 1.25
N LEU C 191 -10.17 15.21 1.28
CA LEU C 191 -11.17 15.06 2.34
C LEU C 191 -10.60 15.00 3.77
N SER C 192 -9.28 14.90 3.91
CA SER C 192 -8.66 14.75 5.23
C SER C 192 -7.31 15.46 5.44
N VAL C 193 -6.38 15.25 4.50
CA VAL C 193 -5.01 15.76 4.51
C VAL C 193 -4.59 16.85 5.54
N TYR C 194 -5.48 17.83 5.78
CA TYR C 194 -5.32 18.85 6.84
C TYR C 194 -5.36 18.27 8.26
N ARG C 195 -5.98 17.12 8.42
CA ARG C 195 -6.05 16.48 9.73
C ARG C 195 -4.65 16.05 10.23
N GLY C 196 -3.66 16.17 9.36
CA GLY C 196 -2.27 15.95 9.74
C GLY C 196 -1.29 15.61 8.62
N PHE C 197 -1.77 14.95 7.56
CA PHE C 197 -0.88 14.50 6.49
C PHE C 197 0.15 15.54 6.03
N PHE C 198 -0.31 16.73 5.65
CA PHE C 198 0.62 17.82 5.34
C PHE C 198 1.31 18.20 6.65
N GLY C 199 2.63 18.23 6.62
CA GLY C 199 3.44 18.46 7.82
C GLY C 199 3.91 17.20 8.54
N CYS C 200 3.51 16.03 8.04
CA CYS C 200 3.78 14.76 8.74
C CYS C 200 5.21 14.24 8.59
N ARG C 201 5.89 14.70 7.54
CA ARG C 201 7.31 14.44 7.33
C ARG C 201 7.68 12.96 7.39
N HIS C 202 6.69 12.13 7.04
CA HIS C 202 6.74 10.67 7.11
C HIS C 202 7.87 10.11 6.25
N PHE C 203 8.06 10.73 5.07
CA PHE C 203 9.13 10.35 4.14
C PHE C 203 10.56 10.52 4.72
N SER C 204 10.87 11.70 5.26
CA SER C 204 12.18 11.97 5.89
C SER C 204 12.46 11.17 7.17
N LYS C 205 11.44 11.04 8.02
CA LYS C 205 11.48 10.26 9.26
C LYS C 205 11.71 8.75 9.01
N THR C 206 11.31 8.30 7.83
CA THR C 206 11.53 6.94 7.38
C THR C 206 13.02 6.72 7.17
N ASN C 207 13.59 7.44 6.19
CA ASN C 207 15.04 7.40 5.95
C ASN C 207 15.86 7.51 7.24
N GLU C 208 15.52 8.49 8.08
CA GLU C 208 16.17 8.67 9.38
C GLU C 208 16.25 7.33 10.12
N LEU C 209 15.10 6.68 10.27
CA LEU C 209 14.99 5.41 10.99
C LEU C 209 15.67 4.25 10.25
N LEU C 210 15.78 4.37 8.93
CA LEU C 210 16.43 3.36 8.09
C LEU C 210 17.97 3.37 8.13
N GLN C 211 18.56 4.56 8.20
CA GLN C 211 20.02 4.70 8.26
C GLN C 211 20.60 4.33 9.63
N LYS C 212 19.97 4.80 10.71
CA LYS C 212 20.34 4.40 12.07
C LYS C 212 20.37 2.88 12.23
N SER C 213 19.76 2.19 11.27
CA SER C 213 19.58 0.74 11.25
C SER C 213 20.45 0.04 10.19
N GLY C 214 21.50 0.73 9.73
CA GLY C 214 22.42 0.19 8.73
C GLY C 214 21.82 -0.02 7.36
N LYS C 215 20.50 -0.06 7.28
CA LYS C 215 19.77 -0.25 6.02
C LYS C 215 19.95 0.97 5.11
N LYS C 216 19.66 0.78 3.82
CA LYS C 216 19.77 1.85 2.82
C LYS C 216 18.53 2.76 2.88
N PRO C 217 18.74 4.09 2.82
CA PRO C 217 17.59 5.00 2.74
C PRO C 217 16.81 4.80 1.43
N ILE C 218 15.49 4.93 1.49
CA ILE C 218 14.67 4.91 0.29
C ILE C 218 14.96 6.18 -0.48
N ASP C 219 15.30 6.03 -1.76
CA ASP C 219 15.47 7.17 -2.67
C ASP C 219 14.12 7.47 -3.34
N TRP C 220 13.40 8.44 -2.78
CA TRP C 220 12.04 8.75 -3.22
C TRP C 220 11.93 9.39 -4.62
N LYS C 221 13.00 10.00 -5.11
CA LYS C 221 13.00 10.61 -6.46
C LYS C 221 13.08 9.53 -7.53
N GLU C 222 13.43 8.33 -7.11
CA GLU C 222 13.67 7.22 -8.03
C GLU C 222 12.35 6.60 -8.48
N LEU C 223 11.65 7.32 -9.36
CA LEU C 223 10.32 6.93 -9.77
C LEU C 223 10.17 6.62 -11.25
#